data_4ODH
#
_entry.id   4ODH
#
_cell.length_a   85.456
_cell.length_b   81.194
_cell.length_c   69.193
_cell.angle_alpha   90.00
_cell.angle_beta   123.95
_cell.angle_gamma   90.00
#
_symmetry.space_group_name_H-M   'C 1 2 1'
#
loop_
_entity.id
_entity.type
_entity.pdbx_description
1 polymer 'CAP256-VRC26.UCA light chain'
2 polymer 'CAP256-VRC26.UCA heavy chain'
3 water water
#
loop_
_entity_poly.entity_id
_entity_poly.type
_entity_poly.pdbx_seq_one_letter_code
_entity_poly.pdbx_strand_id
1 'polypeptide(L)'
;QSVLTQPPSVSAAPGQKVTISCSGSSSNIGNNYVSWYQQLPGTAPKLLIYENNKRPSGIPDRFSGSKSGTSATLGITGLQ
TGDEADYYCGTWDSSLSAGGVFGTGTKVTVLGQPKANPTVTLFPPSSEELQANKATLVCLISDFYPGAVTVAWKADSSPV
KAGVETTTPSKQSNNKYAASSYLSLTPEQWKSHRSYSCQVTHEGSTVEKTVAPTECS
;
L
2 'polypeptide(L)'
;QVQLVESGGGVVQPGRSLRLSCAASGFTFSSYGMHWVRQAPGKGLEWVAVISYDGSNKYYADSVKGRFTISRDNSKNTLY
LQMNSLRAEDTAVYYCAKDLGESENEEWATD(TYS)(TYS)DFSIGYPGQDPRGVVGAFDIWGQGTMVTVSSASTKGPSV
FPLAPSSKSTSGGTAALGCLVKDYFPEPVTVSWNSGALTSGVHTFPAVLQSSGLYSLSSVVTVPSSSLGTQTYICNVNHK
PSNTKVDKKVEPKSCDK
;
H
#
# COMPACT_ATOMS: atom_id res chain seq x y z
N SER A 2 -2.91 -19.70 3.10
CA SER A 2 -3.07 -18.52 3.94
C SER A 2 -3.24 -17.27 3.08
N VAL A 3 -4.00 -17.40 1.99
CA VAL A 3 -4.27 -16.27 1.10
C VAL A 3 -5.72 -16.31 0.65
N LEU A 4 -6.54 -15.42 1.21
CA LEU A 4 -7.95 -15.36 0.85
C LEU A 4 -8.14 -14.55 -0.41
N THR A 5 -8.82 -15.17 -1.39
CA THR A 5 -8.93 -14.62 -2.72
C THR A 5 -10.14 -13.71 -2.89
N GLN A 6 -9.88 -12.43 -3.08
CA GLN A 6 -10.91 -11.47 -3.44
C GLN A 6 -10.35 -10.57 -4.54
N PRO A 7 -11.18 -10.19 -5.51
CA PRO A 7 -10.66 -9.42 -6.64
C PRO A 7 -10.09 -8.06 -6.20
N PRO A 8 -9.15 -7.49 -6.97
CA PRO A 8 -8.61 -6.19 -6.58
C PRO A 8 -9.64 -5.07 -6.64
N SER A 9 -10.54 -5.13 -7.62
CA SER A 9 -11.51 -4.06 -7.84
C SER A 9 -12.89 -4.57 -8.25
N VAL A 10 -13.92 -3.96 -7.68
CA VAL A 10 -15.29 -4.10 -8.16
C VAL A 10 -15.85 -2.70 -8.27
N SER A 11 -16.69 -2.46 -9.27
CA SER A 11 -17.12 -1.10 -9.54
C SER A 11 -18.45 -1.02 -10.27
N ALA A 12 -19.38 -0.25 -9.71
CA ALA A 12 -20.69 -0.03 -10.32
C ALA A 12 -21.00 1.45 -10.34
N ALA A 13 -22.21 1.79 -10.78
CA ALA A 13 -22.66 3.18 -10.83
C ALA A 13 -23.45 3.51 -9.57
N PRO A 14 -23.63 4.81 -9.28
CA PRO A 14 -24.35 5.19 -8.07
C PRO A 14 -25.80 4.70 -8.09
N GLY A 15 -26.20 3.96 -7.06
CA GLY A 15 -27.53 3.38 -6.98
C GLY A 15 -27.52 1.89 -7.23
N GLN A 16 -26.40 1.38 -7.74
CA GLN A 16 -26.31 -0.01 -8.17
C GLN A 16 -25.85 -0.95 -7.06
N LYS A 17 -25.94 -2.24 -7.36
CA LYS A 17 -25.45 -3.30 -6.49
C LYS A 17 -24.00 -3.62 -6.85
N VAL A 18 -23.17 -3.82 -5.83
CA VAL A 18 -21.86 -4.41 -6.02
C VAL A 18 -21.68 -5.54 -5.01
N THR A 19 -21.15 -6.66 -5.48
CA THR A 19 -20.88 -7.80 -4.63
C THR A 19 -19.39 -8.10 -4.68
N ILE A 20 -18.81 -8.38 -3.51
CA ILE A 20 -17.40 -8.74 -3.41
C ILE A 20 -17.27 -10.15 -2.85
N SER A 21 -16.62 -11.03 -3.61
CA SER A 21 -16.51 -12.44 -3.26
C SER A 21 -15.22 -12.74 -2.50
N CYS A 22 -15.27 -13.77 -1.67
CA CYS A 22 -14.08 -14.26 -0.96
C CYS A 22 -13.97 -15.78 -1.11
N SER A 23 -13.21 -16.20 -2.12
CA SER A 23 -12.98 -17.61 -2.37
C SER A 23 -11.63 -18.03 -1.80
N GLY A 24 -11.51 -19.29 -1.45
CA GLY A 24 -10.28 -19.81 -0.88
C GLY A 24 -10.35 -21.32 -0.69
N SER A 25 -10.20 -21.74 0.56
CA SER A 25 -10.24 -23.17 0.90
C SER A 25 -11.05 -23.40 2.17
N SER A 26 -11.57 -24.62 2.31
CA SER A 26 -12.44 -24.96 3.42
C SER A 26 -11.77 -24.74 4.78
N SER A 27 -10.48 -25.06 4.85
CA SER A 27 -9.71 -24.88 6.08
C SER A 27 -9.71 -23.43 6.52
N ASN A 28 -9.71 -22.52 5.54
CA ASN A 28 -9.70 -21.09 5.81
C ASN A 28 -11.11 -20.50 5.93
N ILE A 29 -11.91 -20.66 4.87
CA ILE A 29 -13.20 -19.98 4.79
C ILE A 29 -14.36 -20.90 5.13
N GLY A 30 -14.27 -22.16 4.71
CA GLY A 30 -15.35 -23.11 4.88
C GLY A 30 -15.73 -23.36 6.33
N ASN A 31 -14.79 -23.95 7.08
CA ASN A 31 -15.06 -24.32 8.46
C ASN A 31 -15.08 -23.14 9.44
N ASN A 32 -14.96 -21.92 8.92
CA ASN A 32 -14.76 -20.75 9.76
C ASN A 32 -15.69 -19.58 9.49
N TYR A 33 -15.72 -18.64 10.42
CA TYR A 33 -16.50 -17.41 10.30
C TYR A 33 -15.79 -16.41 9.40
N VAL A 34 -16.56 -15.70 8.58
CA VAL A 34 -16.04 -14.66 7.72
C VAL A 34 -16.45 -13.29 8.25
N SER A 35 -15.56 -12.31 8.09
CA SER A 35 -15.83 -10.96 8.55
C SER A 35 -15.30 -9.95 7.53
N TRP A 36 -16.10 -8.92 7.26
CA TRP A 36 -15.75 -7.92 6.26
C TRP A 36 -15.44 -6.58 6.89
N TYR A 37 -14.43 -5.91 6.34
CA TYR A 37 -13.94 -4.66 6.89
C TYR A 37 -13.77 -3.59 5.82
N GLN A 38 -14.28 -2.39 6.10
CA GLN A 38 -14.12 -1.26 5.21
C GLN A 38 -12.89 -0.48 5.64
N GLN A 39 -12.30 0.27 4.71
CA GLN A 39 -11.19 1.16 5.04
C GLN A 39 -11.12 2.35 4.11
N LEU A 40 -11.56 3.51 4.61
CA LEU A 40 -11.42 4.76 3.86
C LEU A 40 -9.95 5.15 3.86
N PRO A 41 -9.51 5.90 2.84
CA PRO A 41 -8.09 6.26 2.80
C PRO A 41 -7.72 7.17 3.96
N GLY A 42 -6.67 6.83 4.71
CA GLY A 42 -6.26 7.61 5.85
C GLY A 42 -7.20 7.44 7.02
N THR A 43 -7.69 6.22 7.19
CA THR A 43 -8.55 5.86 8.32
C THR A 43 -8.31 4.42 8.71
N ALA A 44 -8.59 4.10 9.97
CA ALA A 44 -8.48 2.73 10.44
C ALA A 44 -9.58 1.90 9.79
N PRO A 45 -9.35 0.58 9.67
CA PRO A 45 -10.40 -0.29 9.14
C PRO A 45 -11.67 -0.21 9.99
N LYS A 46 -12.81 -0.59 9.40
CA LYS A 46 -14.10 -0.50 10.07
C LYS A 46 -14.86 -1.81 9.85
N LEU A 47 -15.41 -2.37 10.91
CA LEU A 47 -16.15 -3.62 10.79
C LEU A 47 -17.49 -3.39 10.11
N LEU A 48 -17.74 -4.15 9.04
CA LEU A 48 -19.02 -4.11 8.34
C LEU A 48 -19.85 -5.34 8.68
N ILE A 49 -19.27 -6.52 8.46
CA ILE A 49 -19.97 -7.78 8.63
C ILE A 49 -19.15 -8.72 9.50
N TYR A 50 -19.85 -9.49 10.34
CA TYR A 50 -19.21 -10.53 11.15
C TYR A 50 -20.08 -11.78 11.16
N GLU A 51 -19.44 -12.92 11.44
CA GLU A 51 -20.11 -14.22 11.39
C GLU A 51 -20.85 -14.41 10.06
N ASN A 52 -20.12 -14.15 8.97
CA ASN A 52 -20.61 -14.35 7.61
C ASN A 52 -21.66 -13.35 7.14
N ASN A 53 -22.77 -13.25 7.86
CA ASN A 53 -23.96 -12.55 7.37
C ASN A 53 -24.60 -11.59 8.36
N LYS A 54 -24.21 -11.66 9.63
CA LYS A 54 -24.80 -10.80 10.65
C LYS A 54 -24.31 -9.36 10.49
N ARG A 55 -24.99 -8.42 11.16
CA ARG A 55 -24.72 -7.00 10.94
C ARG A 55 -24.72 -6.20 12.25
N PRO A 56 -23.77 -5.26 12.40
CA PRO A 56 -23.76 -4.38 13.59
C PRO A 56 -24.82 -3.28 13.51
N SER A 57 -25.10 -2.64 14.65
CA SER A 57 -25.98 -1.48 14.69
C SER A 57 -25.17 -0.21 14.39
N GLY A 58 -25.58 0.50 13.35
CA GLY A 58 -24.87 1.66 12.86
C GLY A 58 -24.50 1.50 11.41
N ILE A 59 -24.38 0.25 10.97
CA ILE A 59 -24.08 -0.06 9.58
C ILE A 59 -25.37 0.01 8.76
N PRO A 60 -25.41 0.86 7.72
CA PRO A 60 -26.59 0.88 6.84
C PRO A 60 -27.00 -0.51 6.36
N ASP A 61 -28.29 -0.79 6.36
CA ASP A 61 -28.81 -2.11 6.00
C ASP A 61 -28.39 -2.58 4.61
N ARG A 62 -27.89 -1.65 3.80
CA ARG A 62 -27.45 -1.97 2.43
C ARG A 62 -26.03 -2.54 2.41
N PHE A 63 -25.63 -3.20 3.50
CA PHE A 63 -24.38 -3.96 3.55
C PHE A 63 -24.71 -5.38 3.96
N SER A 64 -24.67 -6.31 3.00
CA SER A 64 -25.07 -7.69 3.24
C SER A 64 -23.89 -8.64 3.24
N GLY A 65 -24.07 -9.80 3.86
CA GLY A 65 -23.04 -10.83 3.94
C GLY A 65 -23.61 -12.23 3.76
N SER A 66 -22.80 -13.13 3.22
CA SER A 66 -23.21 -14.51 3.01
C SER A 66 -21.99 -15.43 2.94
N LYS A 67 -22.19 -16.70 3.28
CA LYS A 67 -21.14 -17.70 3.12
C LYS A 67 -21.74 -19.04 2.66
N SER A 68 -21.36 -19.47 1.46
CA SER A 68 -21.80 -20.75 0.91
C SER A 68 -20.61 -21.67 0.69
N GLY A 69 -20.22 -22.38 1.75
CA GLY A 69 -19.10 -23.30 1.66
C GLY A 69 -17.77 -22.56 1.61
N THR A 70 -17.04 -22.77 0.52
CA THR A 70 -15.71 -22.17 0.37
C THR A 70 -15.78 -20.80 -0.32
N SER A 71 -16.92 -20.12 -0.19
CA SER A 71 -17.09 -18.80 -0.79
C SER A 71 -17.91 -17.90 0.12
N ALA A 72 -17.56 -16.62 0.15
CA ALA A 72 -18.28 -15.64 0.96
C ALA A 72 -18.43 -14.33 0.19
N THR A 73 -19.56 -13.67 0.39
CA THR A 73 -19.94 -12.50 -0.42
C THR A 73 -20.34 -11.29 0.43
N LEU A 74 -19.81 -10.12 0.06
CA LEU A 74 -20.27 -8.85 0.63
C LEU A 74 -20.95 -8.03 -0.45
N GLY A 75 -22.20 -7.65 -0.19
CA GLY A 75 -22.99 -6.88 -1.14
C GLY A 75 -23.18 -5.44 -0.71
N ILE A 76 -23.39 -4.55 -1.68
CA ILE A 76 -23.65 -3.15 -1.41
C ILE A 76 -24.64 -2.56 -2.42
N THR A 77 -25.90 -2.43 -2.01
CA THR A 77 -26.91 -1.78 -2.86
C THR A 77 -26.83 -0.27 -2.66
N GLY A 78 -27.41 0.48 -3.59
CA GLY A 78 -27.47 1.93 -3.49
C GLY A 78 -26.11 2.54 -3.27
N LEU A 79 -25.21 2.31 -4.21
CA LEU A 79 -23.82 2.74 -4.07
C LEU A 79 -23.71 4.26 -4.04
N GLN A 80 -22.98 4.77 -3.04
CA GLN A 80 -22.74 6.21 -2.89
C GLN A 80 -21.25 6.45 -2.65
N THR A 81 -20.77 7.63 -3.06
CA THR A 81 -19.33 7.94 -3.02
C THR A 81 -18.69 7.64 -1.67
N GLY A 82 -19.49 7.69 -0.60
CA GLY A 82 -18.99 7.37 0.72
C GLY A 82 -18.68 5.90 0.91
N ASP A 83 -18.94 5.11 -0.13
CA ASP A 83 -18.61 3.69 -0.11
C ASP A 83 -17.26 3.42 -0.77
N GLU A 84 -16.70 4.42 -1.43
CA GLU A 84 -15.38 4.27 -2.02
C GLU A 84 -14.35 4.01 -0.92
N ALA A 85 -13.78 2.81 -0.92
CA ALA A 85 -12.91 2.38 0.16
C ALA A 85 -12.21 1.07 -0.20
N ASP A 86 -11.24 0.70 0.62
CA ASP A 86 -10.62 -0.61 0.53
C ASP A 86 -11.43 -1.58 1.40
N TYR A 87 -11.99 -2.61 0.77
CA TYR A 87 -12.72 -3.63 1.51
C TYR A 87 -11.89 -4.90 1.65
N TYR A 88 -11.71 -5.33 2.89
CA TYR A 88 -10.95 -6.53 3.20
C TYR A 88 -11.86 -7.57 3.86
N CYS A 89 -11.66 -8.83 3.50
CA CYS A 89 -12.35 -9.93 4.15
C CYS A 89 -11.39 -10.62 5.11
N GLY A 90 -11.90 -11.06 6.25
CA GLY A 90 -11.10 -11.72 7.25
C GLY A 90 -11.82 -12.90 7.85
N THR A 91 -11.18 -13.58 8.79
CA THR A 91 -11.73 -14.77 9.39
C THR A 91 -10.87 -15.26 10.54
N TRP A 92 -11.41 -16.21 11.30
CA TRP A 92 -10.71 -16.78 12.46
C TRP A 92 -10.47 -18.27 12.22
N ASP A 93 -9.67 -18.88 13.08
CA ASP A 93 -9.37 -20.30 12.98
C ASP A 93 -8.72 -20.84 14.24
N SER A 94 -9.33 -21.87 14.82
CA SER A 94 -8.75 -22.59 15.95
C SER A 94 -9.03 -24.08 15.82
N GLY A 99 -6.42 -16.03 16.08
CA GLY A 99 -6.51 -15.13 14.94
C GLY A 99 -6.50 -15.90 13.63
N GLY A 100 -6.50 -15.17 12.52
CA GLY A 100 -6.55 -15.80 11.20
C GLY A 100 -5.86 -14.99 10.11
N VAL A 101 -6.56 -14.78 9.01
CA VAL A 101 -5.97 -14.16 7.85
C VAL A 101 -6.94 -13.18 7.16
N PHE A 102 -6.38 -12.19 6.47
CA PHE A 102 -7.17 -11.20 5.75
C PHE A 102 -7.14 -11.47 4.25
N GLY A 103 -7.93 -10.71 3.50
CA GLY A 103 -7.98 -10.84 2.05
C GLY A 103 -6.85 -10.10 1.36
N THR A 104 -6.83 -10.18 0.03
CA THR A 104 -5.82 -9.48 -0.76
C THR A 104 -6.11 -7.99 -0.83
N GLY A 105 -7.37 -7.63 -0.63
CA GLY A 105 -7.80 -6.25 -0.64
C GLY A 105 -8.62 -5.90 -1.87
N THR A 106 -9.93 -5.74 -1.68
CA THR A 106 -10.81 -5.32 -2.77
C THR A 106 -11.12 -3.82 -2.64
N LYS A 107 -10.79 -3.08 -3.69
CA LYS A 107 -11.17 -1.68 -3.76
C LYS A 107 -12.55 -1.55 -4.39
N VAL A 108 -13.29 -0.53 -3.96
CA VAL A 108 -14.60 -0.24 -4.54
C VAL A 108 -14.62 1.20 -5.02
N THR A 109 -15.10 1.40 -6.24
CA THR A 109 -15.17 2.72 -6.83
C THR A 109 -16.55 2.98 -7.43
N VAL A 110 -17.26 3.92 -6.82
CA VAL A 110 -18.56 4.34 -7.31
C VAL A 110 -18.32 5.17 -8.56
N LEU A 111 -18.46 4.54 -9.72
CA LEU A 111 -18.15 5.19 -10.99
C LEU A 111 -18.84 6.53 -11.15
N GLY A 112 -18.03 7.56 -11.34
CA GLY A 112 -18.52 8.87 -11.70
C GLY A 112 -18.13 9.17 -13.15
N GLN A 113 -17.47 8.21 -13.79
CA GLN A 113 -17.01 8.39 -15.16
C GLN A 113 -16.72 7.04 -15.80
N PRO A 114 -16.58 7.01 -17.13
CA PRO A 114 -16.20 5.80 -17.85
C PRO A 114 -14.83 5.27 -17.44
N LYS A 115 -14.62 3.96 -17.58
CA LYS A 115 -13.31 3.37 -17.35
C LYS A 115 -12.30 3.94 -18.33
N ALA A 116 -11.31 4.66 -17.82
CA ALA A 116 -10.17 5.07 -18.61
C ALA A 116 -9.07 4.06 -18.39
N ASN A 117 -8.44 3.62 -19.47
CA ASN A 117 -7.37 2.63 -19.39
C ASN A 117 -6.02 3.32 -19.20
N PRO A 118 -5.09 2.63 -18.53
CA PRO A 118 -3.84 3.26 -18.09
C PRO A 118 -2.85 3.59 -19.20
N THR A 119 -2.36 4.83 -19.20
CA THR A 119 -1.25 5.23 -20.06
C THR A 119 0.05 4.90 -19.35
N VAL A 120 0.78 3.92 -19.88
CA VAL A 120 2.00 3.44 -19.23
C VAL A 120 3.24 4.07 -19.85
N THR A 121 4.00 4.80 -19.03
CA THR A 121 5.25 5.41 -19.46
C THR A 121 6.40 4.88 -18.59
N LEU A 122 7.18 3.96 -19.15
CA LEU A 122 8.24 3.29 -18.42
C LEU A 122 9.60 3.92 -18.69
N PHE A 123 10.35 4.21 -17.63
CA PHE A 123 11.68 4.77 -17.75
C PHE A 123 12.76 3.77 -17.31
N PRO A 124 13.83 3.64 -18.10
CA PRO A 124 14.94 2.77 -17.70
C PRO A 124 15.89 3.50 -16.76
N PRO A 125 16.82 2.77 -16.12
CA PRO A 125 17.79 3.46 -15.26
C PRO A 125 18.71 4.33 -16.10
N SER A 126 18.95 5.56 -15.65
CA SER A 126 19.78 6.49 -16.39
C SER A 126 21.22 5.99 -16.42
N SER A 127 21.98 6.43 -17.42
CA SER A 127 23.40 6.09 -17.49
C SER A 127 24.11 6.67 -16.28
N GLU A 128 23.54 7.74 -15.73
CA GLU A 128 24.08 8.38 -14.54
C GLU A 128 23.86 7.51 -13.30
N GLU A 129 22.77 6.76 -13.30
CA GLU A 129 22.45 5.87 -12.19
C GLU A 129 23.33 4.62 -12.24
N LEU A 130 23.63 4.17 -13.45
CA LEU A 130 24.51 3.03 -13.64
C LEU A 130 25.94 3.40 -13.30
N GLN A 131 26.21 4.71 -13.28
CA GLN A 131 27.49 5.24 -12.87
C GLN A 131 27.58 5.34 -11.35
N ALA A 132 26.80 4.50 -10.66
CA ALA A 132 26.85 4.40 -9.22
C ALA A 132 26.65 2.94 -8.81
N ASN A 133 26.80 2.05 -9.78
CA ASN A 133 26.58 0.62 -9.60
C ASN A 133 25.21 0.32 -8.99
N LYS A 134 24.22 1.12 -9.36
CA LYS A 134 22.83 0.90 -8.95
C LYS A 134 21.93 1.07 -10.17
N ALA A 135 20.69 0.62 -10.07
CA ALA A 135 19.77 0.71 -11.20
C ALA A 135 18.31 0.55 -10.76
N THR A 136 17.48 1.47 -11.24
CA THR A 136 16.05 1.46 -10.92
C THR A 136 15.22 1.71 -12.18
N LEU A 137 14.31 0.77 -12.49
CA LEU A 137 13.35 0.97 -13.57
C LEU A 137 12.07 1.55 -13.00
N VAL A 138 11.63 2.67 -13.56
CA VAL A 138 10.45 3.37 -13.07
C VAL A 138 9.29 3.27 -14.05
N CYS A 139 8.31 2.44 -13.71
CA CYS A 139 7.07 2.37 -14.48
C CYS A 139 6.11 3.39 -13.90
N LEU A 140 5.50 4.19 -14.78
CA LEU A 140 4.64 5.28 -14.35
C LEU A 140 3.29 5.20 -15.04
N ILE A 141 2.29 4.72 -14.30
CA ILE A 141 0.96 4.48 -14.84
C ILE A 141 0.04 5.66 -14.53
N SER A 142 -0.57 6.20 -15.59
CA SER A 142 -1.32 7.45 -15.50
C SER A 142 -2.77 7.28 -15.93
N ASP A 143 -3.52 8.37 -15.81
CA ASP A 143 -4.87 8.53 -16.37
C ASP A 143 -5.71 7.25 -16.42
N PHE A 144 -5.97 6.66 -15.26
CA PHE A 144 -6.82 5.47 -15.20
C PHE A 144 -7.90 5.56 -14.13
N TYR A 145 -8.95 4.77 -14.31
CA TYR A 145 -10.11 4.80 -13.44
C TYR A 145 -10.89 3.51 -13.67
N PRO A 146 -11.28 2.80 -12.59
CA PRO A 146 -11.05 3.07 -11.16
C PRO A 146 -9.57 3.00 -10.77
N GLY A 147 -9.27 3.38 -9.55
CA GLY A 147 -7.89 3.44 -9.08
C GLY A 147 -7.39 2.12 -8.51
N ALA A 148 -7.28 1.11 -9.36
CA ALA A 148 -6.83 -0.22 -8.95
C ALA A 148 -6.04 -0.90 -10.05
N VAL A 149 -4.73 -1.02 -9.86
CA VAL A 149 -3.85 -1.65 -10.84
C VAL A 149 -2.94 -2.68 -10.18
N THR A 150 -2.76 -3.81 -10.85
CA THR A 150 -1.88 -4.88 -10.38
C THR A 150 -0.65 -4.91 -11.26
N VAL A 151 0.46 -4.36 -10.76
CA VAL A 151 1.69 -4.28 -11.53
C VAL A 151 2.59 -5.50 -11.32
N ALA A 152 2.93 -6.16 -12.42
CA ALA A 152 3.90 -7.25 -12.42
C ALA A 152 5.05 -6.87 -13.32
N TRP A 153 6.26 -7.20 -12.91
CA TRP A 153 7.44 -6.98 -13.73
C TRP A 153 7.83 -8.28 -14.43
N LYS A 154 8.59 -8.17 -15.51
CA LYS A 154 9.00 -9.34 -16.29
C LYS A 154 10.39 -9.16 -16.91
N ALA A 155 11.36 -9.94 -16.44
CA ALA A 155 12.68 -9.99 -17.04
C ALA A 155 12.61 -10.88 -18.27
N ASP A 156 12.84 -10.31 -19.45
CA ASP A 156 12.49 -10.98 -20.70
C ASP A 156 11.01 -11.33 -20.61
N SER A 157 10.66 -12.59 -20.90
CA SER A 157 9.31 -13.09 -20.64
C SER A 157 9.26 -13.76 -19.27
N SER A 158 10.43 -13.94 -18.66
CA SER A 158 10.51 -14.52 -17.32
C SER A 158 10.01 -13.49 -16.31
N PRO A 159 9.47 -13.95 -15.18
CA PRO A 159 8.95 -13.01 -14.17
C PRO A 159 10.08 -12.38 -13.37
N VAL A 160 9.72 -11.63 -12.33
CA VAL A 160 10.71 -11.09 -11.41
C VAL A 160 9.99 -10.57 -10.18
N LYS A 161 10.53 -10.90 -9.01
CA LYS A 161 9.89 -10.59 -7.74
C LYS A 161 10.63 -9.47 -7.02
N ALA A 162 11.93 -9.37 -7.29
CA ALA A 162 12.81 -8.50 -6.53
C ALA A 162 12.74 -7.03 -6.95
N GLY A 163 13.06 -6.15 -6.01
CA GLY A 163 13.19 -4.73 -6.28
C GLY A 163 11.86 -4.03 -6.51
N VAL A 164 10.76 -4.75 -6.43
CA VAL A 164 9.46 -4.19 -6.75
C VAL A 164 8.89 -3.39 -5.58
N GLU A 165 8.72 -2.09 -5.80
CA GLU A 165 8.02 -1.22 -4.87
C GLU A 165 6.99 -0.41 -5.67
N THR A 166 5.73 -0.51 -5.27
CA THR A 166 4.64 0.15 -5.99
C THR A 166 3.78 0.95 -5.02
N THR A 167 3.29 2.10 -5.50
CA THR A 167 2.52 3.02 -4.66
C THR A 167 1.02 2.75 -4.77
N THR A 168 0.29 3.12 -3.72
CA THR A 168 -1.17 3.09 -3.76
C THR A 168 -1.65 4.28 -4.59
N PRO A 169 -2.40 4.02 -5.68
CA PRO A 169 -2.85 5.07 -6.60
C PRO A 169 -3.42 6.31 -5.92
N SER A 170 -3.23 7.47 -6.56
CA SER A 170 -3.78 8.73 -6.07
C SER A 170 -4.46 9.48 -7.20
N LYS A 171 -5.57 10.13 -6.87
CA LYS A 171 -6.30 10.94 -7.84
C LYS A 171 -5.45 12.12 -8.31
N GLN A 172 -5.49 12.38 -9.61
CA GLN A 172 -4.75 13.51 -10.18
C GLN A 172 -5.65 14.74 -10.18
N SER A 173 -5.42 15.66 -11.12
CA SER A 173 -6.26 16.86 -11.25
C SER A 173 -7.41 16.61 -12.22
N ASN A 174 -7.28 15.60 -13.07
CA ASN A 174 -8.37 15.19 -13.96
C ASN A 174 -9.25 14.13 -13.31
N ASN A 175 -9.15 14.02 -11.99
CA ASN A 175 -9.95 13.09 -11.20
C ASN A 175 -9.70 11.60 -11.47
N LYS A 176 -8.84 11.32 -12.43
CA LYS A 176 -8.42 9.94 -12.71
C LYS A 176 -7.16 9.64 -11.91
N TYR A 177 -6.98 8.38 -11.52
CA TYR A 177 -5.90 8.00 -10.62
C TYR A 177 -4.58 7.75 -11.35
N ALA A 178 -3.49 7.74 -10.58
CA ALA A 178 -2.15 7.49 -11.11
C ALA A 178 -1.28 6.83 -10.05
N ALA A 179 -0.41 5.92 -10.47
CA ALA A 179 0.51 5.24 -9.57
C ALA A 179 1.84 4.98 -10.26
N SER A 180 2.77 4.40 -9.52
CA SER A 180 4.11 4.15 -10.03
C SER A 180 4.71 2.92 -9.37
N SER A 181 5.50 2.17 -10.14
CA SER A 181 6.20 1.01 -9.62
C SER A 181 7.68 1.08 -10.00
N TYR A 182 8.53 0.71 -9.03
CA TYR A 182 9.98 0.74 -9.23
C TYR A 182 10.52 -0.67 -9.28
N LEU A 183 11.65 -0.85 -9.95
CA LEU A 183 12.34 -2.13 -9.99
C LEU A 183 13.82 -1.92 -9.67
N SER A 184 14.20 -2.20 -8.43
CA SER A 184 15.58 -2.02 -8.00
C SER A 184 16.43 -3.19 -8.44
N LEU A 185 17.38 -2.92 -9.35
CA LEU A 185 18.20 -3.96 -9.95
C LEU A 185 19.69 -3.69 -9.84
N THR A 186 20.48 -4.77 -9.87
CA THR A 186 21.91 -4.66 -10.01
C THR A 186 22.20 -4.36 -11.47
N PRO A 187 23.18 -3.48 -11.75
CA PRO A 187 23.46 -3.13 -13.15
C PRO A 187 23.82 -4.35 -14.01
N GLU A 188 24.25 -5.44 -13.39
CA GLU A 188 24.57 -6.65 -14.12
C GLU A 188 23.29 -7.29 -14.64
N GLN A 189 22.32 -7.46 -13.75
CA GLN A 189 21.00 -7.99 -14.11
C GLN A 189 20.39 -7.17 -15.24
N TRP A 190 20.44 -5.85 -15.09
CA TRP A 190 19.93 -4.96 -16.13
C TRP A 190 20.61 -5.25 -17.46
N LYS A 191 21.93 -5.32 -17.43
CA LYS A 191 22.72 -5.58 -18.63
C LYS A 191 22.73 -7.07 -18.99
N SER A 192 22.02 -7.88 -18.21
CA SER A 192 22.00 -9.34 -18.43
C SER A 192 20.65 -9.83 -18.98
N HIS A 193 19.76 -8.91 -19.31
CA HIS A 193 18.49 -9.25 -19.93
C HIS A 193 18.25 -8.39 -21.15
N ARG A 194 17.73 -8.99 -22.21
CA ARG A 194 17.48 -8.26 -23.45
C ARG A 194 16.43 -7.20 -23.24
N SER A 195 15.56 -7.39 -22.26
CA SER A 195 14.51 -6.44 -21.98
C SER A 195 13.84 -6.74 -20.65
N TYR A 196 13.54 -5.68 -19.89
CA TYR A 196 12.63 -5.78 -18.77
C TYR A 196 11.31 -5.15 -19.21
N SER A 197 10.22 -5.51 -18.54
CA SER A 197 8.89 -5.08 -18.95
C SER A 197 8.00 -4.79 -17.75
N CYS A 198 7.04 -3.89 -17.97
CA CYS A 198 6.09 -3.50 -16.93
C CYS A 198 4.68 -3.94 -17.31
N GLN A 199 4.25 -5.09 -16.79
CA GLN A 199 2.89 -5.57 -16.98
C GLN A 199 1.95 -4.83 -16.04
N VAL A 200 0.96 -4.14 -16.59
CA VAL A 200 -0.02 -3.42 -15.79
C VAL A 200 -1.43 -3.95 -16.05
N THR A 201 -2.01 -4.60 -15.06
CA THR A 201 -3.35 -5.15 -15.17
C THR A 201 -4.37 -4.18 -14.57
N HIS A 202 -5.41 -3.85 -15.33
CA HIS A 202 -6.42 -2.89 -14.88
C HIS A 202 -7.82 -3.31 -15.32
N GLU A 203 -8.67 -3.61 -14.34
CA GLU A 203 -10.05 -4.01 -14.60
C GLU A 203 -10.13 -5.18 -15.59
N GLY A 204 -9.13 -6.04 -15.57
CA GLY A 204 -9.08 -7.21 -16.42
C GLY A 204 -8.07 -7.07 -17.55
N SER A 205 -7.97 -5.87 -18.11
CA SER A 205 -7.05 -5.61 -19.21
C SER A 205 -5.62 -5.61 -18.72
N THR A 206 -4.68 -5.98 -19.59
CA THR A 206 -3.26 -6.09 -19.22
C THR A 206 -2.36 -5.40 -20.24
N VAL A 207 -1.67 -4.35 -19.81
CA VAL A 207 -0.81 -3.56 -20.68
C VAL A 207 0.67 -3.82 -20.35
N GLU A 208 1.50 -3.88 -21.38
CA GLU A 208 2.93 -4.18 -21.23
C GLU A 208 3.80 -3.17 -21.95
N LYS A 209 4.56 -2.39 -21.18
CA LYS A 209 5.61 -1.53 -21.72
C LYS A 209 6.96 -2.16 -21.43
N THR A 210 7.95 -1.90 -22.28
CA THR A 210 9.24 -2.58 -22.18
C THR A 210 10.40 -1.67 -22.56
N VAL A 211 11.56 -1.92 -21.97
CA VAL A 211 12.80 -1.23 -22.32
C VAL A 211 13.95 -2.22 -22.37
N ALA A 212 15.03 -1.83 -23.03
CA ALA A 212 16.23 -2.65 -23.10
C ALA A 212 17.44 -1.78 -22.77
N PRO A 213 18.54 -2.40 -22.29
CA PRO A 213 19.75 -1.63 -22.02
C PRO A 213 20.32 -1.02 -23.30
N THR A 214 19.97 -1.61 -24.43
CA THR A 214 20.45 -1.13 -25.72
C THR A 214 19.61 0.04 -26.21
N GLU A 215 19.64 1.13 -25.45
CA GLU A 215 18.87 2.33 -25.80
C GLU A 215 19.34 3.52 -24.95
N VAL B 2 -16.61 3.95 22.43
CA VAL B 2 -15.38 3.18 22.50
C VAL B 2 -14.24 3.92 21.79
N GLN B 3 -13.03 3.83 22.35
CA GLN B 3 -11.86 4.45 21.75
C GLN B 3 -10.61 3.62 22.01
N LEU B 4 -9.87 3.34 20.94
CA LEU B 4 -8.54 2.76 21.06
C LEU B 4 -7.53 3.77 20.54
N VAL B 5 -6.54 4.09 21.36
CA VAL B 5 -5.50 5.05 20.99
C VAL B 5 -4.12 4.41 21.14
N GLU B 6 -3.50 4.08 20.02
CA GLU B 6 -2.17 3.50 20.03
C GLU B 6 -1.15 4.54 20.48
N SER B 7 0.08 4.10 20.72
CA SER B 7 1.13 5.00 21.17
C SER B 7 2.50 4.33 21.04
N GLY B 8 3.55 5.14 21.12
CA GLY B 8 4.91 4.63 21.09
C GLY B 8 5.38 4.24 19.70
N GLY B 9 4.89 4.94 18.68
CA GLY B 9 5.26 4.69 17.31
C GLY B 9 6.26 5.70 16.79
N GLY B 10 7.46 5.22 16.43
CA GLY B 10 8.50 6.08 15.92
C GLY B 10 9.51 5.31 15.10
N VAL B 11 10.55 6.01 14.65
CA VAL B 11 11.61 5.37 13.88
C VAL B 11 12.51 4.55 14.81
N VAL B 12 13.02 3.44 14.29
CA VAL B 12 13.89 2.55 15.07
C VAL B 12 14.90 1.87 14.16
N GLN B 13 16.06 1.53 14.72
CA GLN B 13 17.07 0.77 13.98
C GLN B 13 16.72 -0.72 14.07
N PRO B 14 16.83 -1.45 12.94
CA PRO B 14 16.66 -2.91 12.97
C PRO B 14 17.52 -3.57 14.04
N GLY B 15 17.06 -4.69 14.58
CA GLY B 15 17.77 -5.39 15.64
C GLY B 15 17.39 -4.87 17.03
N ARG B 16 17.14 -3.57 17.13
CA ARG B 16 16.78 -2.96 18.40
C ARG B 16 15.28 -3.16 18.70
N SER B 17 14.83 -2.60 19.81
CA SER B 17 13.51 -2.92 20.36
C SER B 17 12.54 -1.75 20.33
N LEU B 18 11.26 -2.06 20.53
CA LEU B 18 10.21 -1.05 20.61
C LEU B 18 8.92 -1.68 21.13
N ARG B 19 8.23 -0.97 22.01
CA ARG B 19 7.00 -1.48 22.63
C ARG B 19 5.85 -0.49 22.45
N LEU B 20 4.89 -0.86 21.62
CA LEU B 20 3.74 -0.01 21.33
C LEU B 20 2.70 -0.12 22.43
N SER B 21 2.01 0.98 22.71
CA SER B 21 1.03 1.05 23.79
C SER B 21 -0.31 1.49 23.23
N CYS B 22 -1.38 0.84 23.67
CA CYS B 22 -2.72 1.12 23.14
C CYS B 22 -3.73 1.40 24.25
N ALA B 23 -3.87 2.67 24.60
CA ALA B 23 -4.80 3.07 25.65
C ALA B 23 -6.24 2.82 25.23
N ALA B 24 -6.83 1.76 25.76
CA ALA B 24 -8.20 1.40 25.43
C ALA B 24 -9.19 2.03 26.42
N SER B 25 -10.36 2.40 25.91
CA SER B 25 -11.37 3.04 26.74
C SER B 25 -12.76 2.87 26.12
N GLY B 26 -13.79 3.07 26.94
CA GLY B 26 -15.17 3.01 26.47
C GLY B 26 -15.76 1.62 26.51
N PHE B 27 -15.02 0.70 27.12
CA PHE B 27 -15.50 -0.67 27.32
C PHE B 27 -14.70 -1.39 28.40
N THR B 28 -15.00 -2.66 28.61
CA THR B 28 -14.44 -3.41 29.73
C THR B 28 -12.97 -3.73 29.56
N PHE B 29 -12.60 -4.24 28.38
CA PHE B 29 -11.21 -4.61 28.06
C PHE B 29 -10.79 -5.92 28.73
N SER B 30 -11.17 -6.10 30.00
CA SER B 30 -10.80 -7.30 30.74
C SER B 30 -11.59 -8.53 30.28
N SER B 31 -12.65 -8.30 29.50
CA SER B 31 -13.53 -9.37 29.05
C SER B 31 -13.55 -9.50 27.52
N TYR B 32 -12.62 -8.80 26.87
CA TYR B 32 -12.44 -8.94 25.43
C TYR B 32 -10.98 -9.29 25.14
N GLY B 33 -10.78 -10.24 24.23
CA GLY B 33 -9.45 -10.50 23.71
C GLY B 33 -9.01 -9.31 22.89
N MET B 34 -7.71 -9.15 22.70
CA MET B 34 -7.17 -8.01 21.97
C MET B 34 -6.21 -8.47 20.89
N HIS B 35 -6.25 -7.77 19.76
CA HIS B 35 -5.42 -8.10 18.61
C HIS B 35 -4.48 -6.95 18.28
N TRP B 36 -3.41 -7.28 17.56
CA TRP B 36 -2.59 -6.28 16.90
C TRP B 36 -2.59 -6.59 15.40
N VAL B 37 -2.74 -5.56 14.60
CA VAL B 37 -2.78 -5.67 13.15
C VAL B 37 -1.88 -4.61 12.57
N ARG B 38 -1.15 -4.95 11.52
CA ARG B 38 -0.26 -3.99 10.88
C ARG B 38 -0.59 -3.88 9.40
N GLN B 39 -0.37 -2.69 8.86
CA GLN B 39 -0.64 -2.42 7.45
C GLN B 39 0.51 -1.61 6.88
N ALA B 40 1.46 -2.30 6.26
CA ALA B 40 2.60 -1.64 5.65
C ALA B 40 2.13 -0.75 4.49
N PRO B 41 2.64 0.50 4.42
CA PRO B 41 2.23 1.34 3.29
C PRO B 41 2.67 0.73 1.95
N GLY B 42 1.78 0.49 0.98
CA GLY B 42 0.34 0.71 1.07
C GLY B 42 -0.40 -0.61 0.90
N LYS B 43 0.18 -1.67 1.45
CA LYS B 43 -0.36 -3.01 1.29
C LYS B 43 -1.61 -3.23 2.13
N GLY B 44 -2.11 -4.46 2.14
CA GLY B 44 -3.34 -4.79 2.86
C GLY B 44 -3.12 -5.01 4.34
N LEU B 45 -4.18 -5.42 5.03
CA LEU B 45 -4.10 -5.70 6.45
C LEU B 45 -3.37 -7.01 6.70
N GLU B 46 -2.38 -6.97 7.58
CA GLU B 46 -1.66 -8.17 8.00
C GLU B 46 -1.87 -8.42 9.47
N TRP B 47 -2.54 -9.52 9.79
CA TRP B 47 -2.76 -9.92 11.16
C TRP B 47 -1.42 -10.22 11.84
N VAL B 48 -1.14 -9.50 12.93
CA VAL B 48 0.14 -9.59 13.61
C VAL B 48 0.08 -10.57 14.77
N ALA B 49 -0.56 -10.15 15.86
CA ALA B 49 -0.58 -10.96 17.09
C ALA B 49 -1.92 -10.89 17.82
N VAL B 50 -2.11 -11.81 18.77
CA VAL B 50 -3.32 -11.87 19.57
C VAL B 50 -2.99 -12.15 21.01
N ILE B 51 -3.79 -11.58 21.91
CA ILE B 51 -3.71 -11.91 23.32
C ILE B 51 -5.12 -12.06 23.87
N SER B 52 -5.33 -13.10 24.68
CA SER B 52 -6.66 -13.40 25.21
C SER B 52 -7.12 -12.33 26.20
N TYR B 53 -8.35 -12.46 26.68
CA TYR B 53 -8.89 -11.52 27.66
C TYR B 53 -8.14 -11.60 28.99
N ASP B 54 -7.58 -12.76 29.28
CA ASP B 54 -6.81 -12.95 30.53
C ASP B 54 -5.31 -12.76 30.30
N GLY B 55 -4.84 -13.21 29.15
CA GLY B 55 -3.43 -13.14 28.80
C GLY B 55 -2.81 -14.52 28.65
N SER B 56 -3.67 -15.54 28.71
CA SER B 56 -3.22 -16.92 28.56
C SER B 56 -2.79 -17.20 27.13
N ASN B 57 -3.75 -17.23 26.22
CA ASN B 57 -3.47 -17.53 24.83
C ASN B 57 -2.71 -16.38 24.16
N LYS B 58 -1.66 -16.75 23.43
CA LYS B 58 -0.88 -15.78 22.67
C LYS B 58 -0.49 -16.40 21.34
N TYR B 59 -0.82 -15.71 20.25
CA TYR B 59 -0.53 -16.21 18.90
C TYR B 59 -0.04 -15.09 18.00
N TYR B 60 0.90 -15.44 17.13
CA TYR B 60 1.54 -14.49 16.23
C TYR B 60 1.56 -15.07 14.82
N ALA B 61 1.97 -14.26 13.86
CA ALA B 61 2.19 -14.74 12.50
C ALA B 61 3.57 -15.39 12.43
N ASP B 62 3.82 -16.13 11.35
CA ASP B 62 5.12 -16.75 11.14
C ASP B 62 6.17 -15.67 10.86
N SER B 63 5.73 -14.57 10.29
CA SER B 63 6.62 -13.44 9.99
C SER B 63 6.95 -12.64 11.25
N VAL B 64 6.40 -13.08 12.37
CA VAL B 64 6.53 -12.37 13.64
C VAL B 64 6.75 -13.37 14.78
N LYS B 65 6.50 -14.65 14.49
CA LYS B 65 6.50 -15.74 15.47
C LYS B 65 7.57 -15.66 16.55
N GLY B 66 8.79 -15.34 16.17
CA GLY B 66 9.91 -15.43 17.08
C GLY B 66 10.17 -14.20 17.96
N ARG B 67 10.00 -13.02 17.39
CA ARG B 67 10.61 -11.81 17.95
C ARG B 67 9.64 -10.79 18.58
N PHE B 68 8.35 -11.01 18.45
CA PHE B 68 7.36 -10.14 19.11
C PHE B 68 6.72 -10.86 20.28
N THR B 69 6.28 -10.09 21.27
CA THR B 69 5.58 -10.63 22.42
C THR B 69 4.46 -9.70 22.85
N ILE B 70 3.28 -9.92 22.30
CA ILE B 70 2.10 -9.16 22.68
C ILE B 70 1.75 -9.43 24.14
N SER B 71 1.64 -8.36 24.91
CA SER B 71 1.21 -8.43 26.30
C SER B 71 0.07 -7.44 26.47
N ARG B 72 -0.47 -7.36 27.68
CA ARG B 72 -1.52 -6.39 27.94
C ARG B 72 -1.67 -6.11 29.43
N ASP B 73 -2.08 -4.89 29.74
CA ASP B 73 -2.22 -4.43 31.12
C ASP B 73 -3.66 -4.01 31.37
N ASN B 74 -4.45 -4.90 31.95
CA ASN B 74 -5.86 -4.62 32.21
C ASN B 74 -6.03 -3.56 33.30
N SER B 75 -5.00 -3.36 34.11
CA SER B 75 -5.04 -2.34 35.16
C SER B 75 -5.12 -0.96 34.53
N LYS B 76 -4.32 -0.74 33.50
CA LYS B 76 -4.28 0.55 32.82
C LYS B 76 -5.15 0.54 31.55
N ASN B 77 -5.76 -0.61 31.28
CA ASN B 77 -6.54 -0.79 30.05
C ASN B 77 -5.70 -0.46 28.83
N THR B 78 -4.49 -1.01 28.78
CA THR B 78 -3.59 -0.80 27.66
C THR B 78 -3.10 -2.14 27.11
N LEU B 79 -3.04 -2.22 25.79
CA LEU B 79 -2.47 -3.37 25.11
C LEU B 79 -1.05 -3.03 24.73
N TYR B 80 -0.16 -4.01 24.86
CA TYR B 80 1.25 -3.80 24.53
C TYR B 80 1.72 -4.78 23.46
N LEU B 81 2.41 -4.24 22.45
CA LEU B 81 3.11 -5.07 21.49
C LEU B 81 4.61 -4.88 21.68
N GLN B 82 5.20 -5.73 22.52
CA GLN B 82 6.63 -5.67 22.77
C GLN B 82 7.38 -6.23 21.56
N MET B 83 7.88 -5.32 20.72
CA MET B 83 8.55 -5.70 19.49
C MET B 83 10.06 -5.67 19.68
N ASN B 84 10.69 -6.84 19.65
CA ASN B 84 12.13 -6.97 19.75
C ASN B 84 12.74 -7.45 18.43
N SER B 85 14.00 -7.12 18.21
CA SER B 85 14.70 -7.53 17.00
C SER B 85 13.91 -7.16 15.75
N LEU B 86 13.62 -5.87 15.59
CA LEU B 86 12.81 -5.41 14.48
C LEU B 86 13.54 -5.58 13.15
N ARG B 87 12.76 -5.78 12.09
CA ARG B 87 13.31 -5.92 10.75
C ARG B 87 12.73 -4.84 9.84
N ALA B 88 13.05 -4.92 8.56
CA ALA B 88 12.61 -3.93 7.59
C ALA B 88 11.13 -4.11 7.25
N GLU B 89 10.73 -5.33 6.93
CA GLU B 89 9.35 -5.61 6.52
C GLU B 89 8.41 -5.79 7.71
N ASP B 90 8.83 -5.29 8.87
CA ASP B 90 7.94 -5.14 10.02
C ASP B 90 7.48 -3.70 10.11
N THR B 91 8.11 -2.83 9.33
CA THR B 91 7.68 -1.45 9.19
C THR B 91 6.24 -1.44 8.70
N ALA B 92 5.35 -0.87 9.50
CA ALA B 92 3.94 -0.84 9.16
C ALA B 92 3.17 0.04 10.14
N VAL B 93 1.90 0.27 9.83
CA VAL B 93 1.03 1.01 10.74
C VAL B 93 0.30 0.01 11.64
N TYR B 94 0.82 -0.14 12.86
CA TYR B 94 0.27 -1.11 13.79
C TYR B 94 -1.07 -0.65 14.34
N TYR B 95 -2.01 -1.60 14.44
CA TYR B 95 -3.39 -1.29 14.79
C TYR B 95 -3.85 -2.07 16.02
N CYS B 96 -4.17 -1.34 17.08
CA CYS B 96 -4.83 -1.92 18.23
C CYS B 96 -6.26 -2.20 17.85
N ALA B 97 -6.66 -3.47 17.91
CA ALA B 97 -8.00 -3.87 17.47
C ALA B 97 -8.69 -4.74 18.51
N LYS B 98 -9.90 -4.34 18.89
CA LYS B 98 -10.70 -5.09 19.84
C LYS B 98 -11.18 -6.39 19.21
N ASP B 99 -11.54 -7.36 20.06
CA ASP B 99 -12.20 -8.57 19.59
C ASP B 99 -13.70 -8.55 19.93
N LEU B 100 -14.52 -9.08 19.03
CA LEU B 100 -15.96 -9.19 19.25
C LEU B 100 -16.35 -10.59 19.73
N GLY B 101 -16.38 -10.78 21.04
CA GLY B 101 -16.86 -12.03 21.62
C GLY B 101 -18.34 -11.92 21.96
N GLU B 102 -19.18 -12.53 21.14
CA GLU B 102 -20.63 -12.31 21.20
C GLU B 102 -21.42 -13.62 21.24
N SER B 103 -22.69 -13.49 21.65
CA SER B 103 -23.66 -14.58 21.63
C SER B 103 -23.33 -15.71 22.61
N GLU B 104 -23.09 -15.35 23.86
CA GLU B 104 -23.06 -16.31 24.97
C GLU B 104 -21.97 -17.35 24.80
N ASN B 105 -22.19 -18.53 25.38
CA ASN B 105 -21.26 -19.65 25.27
C ASN B 105 -21.48 -20.44 23.99
N GLY B 126 -9.48 -17.77 24.88
CA GLY B 126 -10.43 -17.35 23.87
C GLY B 126 -9.75 -16.70 22.68
N VAL B 127 -10.51 -16.06 21.79
CA VAL B 127 -11.96 -15.98 21.88
C VAL B 127 -12.59 -16.15 20.49
N VAL B 128 -12.20 -15.28 19.56
CA VAL B 128 -12.77 -15.26 18.21
C VAL B 128 -12.02 -14.20 17.39
N GLY B 129 -12.18 -14.22 16.07
CA GLY B 129 -11.49 -13.29 15.18
C GLY B 129 -12.41 -12.34 14.45
N ALA B 130 -12.94 -11.35 15.17
CA ALA B 130 -13.72 -10.28 14.57
C ALA B 130 -13.41 -8.97 15.27
N PHE B 131 -13.00 -7.97 14.50
CA PHE B 131 -12.50 -6.71 15.07
C PHE B 131 -13.46 -5.55 14.85
N ASP B 132 -14.38 -5.37 15.80
CA ASP B 132 -15.40 -4.34 15.71
C ASP B 132 -14.79 -2.93 15.78
N ILE B 133 -13.92 -2.70 16.76
CA ILE B 133 -13.30 -1.40 16.92
C ILE B 133 -11.79 -1.49 16.70
N TRP B 134 -11.24 -0.45 16.06
CA TRP B 134 -9.81 -0.34 15.82
C TRP B 134 -9.31 0.98 16.38
N GLY B 135 -7.99 1.13 16.47
CA GLY B 135 -7.40 2.38 16.88
C GLY B 135 -6.85 3.14 15.69
N GLN B 136 -6.50 4.40 15.92
CA GLN B 136 -5.91 5.25 14.88
C GLN B 136 -4.74 4.57 14.18
N GLY B 137 -3.90 3.91 14.96
CA GLY B 137 -2.76 3.17 14.45
C GLY B 137 -1.49 3.99 14.40
N THR B 138 -0.47 3.52 15.13
CA THR B 138 0.81 4.21 15.18
C THR B 138 1.82 3.63 14.18
N MET B 139 2.41 4.51 13.38
CA MET B 139 3.33 4.10 12.32
C MET B 139 4.75 3.83 12.84
N VAL B 140 5.19 2.59 12.68
CA VAL B 140 6.56 2.21 13.03
C VAL B 140 7.39 2.12 11.76
N THR B 141 8.48 2.88 11.71
CA THR B 141 9.36 2.91 10.55
C THR B 141 10.76 2.43 10.91
N VAL B 142 10.94 1.11 10.90
CA VAL B 142 12.22 0.50 11.22
C VAL B 142 13.19 0.73 10.06
N SER B 143 14.32 1.36 10.35
CA SER B 143 15.28 1.71 9.31
C SER B 143 16.68 2.01 9.85
N SER B 144 17.61 1.12 9.54
CA SER B 144 19.01 1.36 9.88
C SER B 144 19.54 2.46 8.98
N ALA B 145 19.22 3.71 9.33
CA ALA B 145 19.57 4.84 8.48
C ALA B 145 19.48 6.17 9.20
N SER B 146 20.50 7.00 9.01
CA SER B 146 20.44 8.38 9.46
C SER B 146 19.90 9.22 8.31
N THR B 147 19.98 10.53 8.44
CA THR B 147 19.48 11.43 7.40
C THR B 147 20.35 11.36 6.13
N LYS B 148 19.84 10.68 5.12
CA LYS B 148 20.55 10.52 3.85
C LYS B 148 20.07 11.55 2.83
N GLY B 149 21.02 12.11 2.08
CA GLY B 149 20.71 13.10 1.07
C GLY B 149 20.17 12.45 -0.18
N PRO B 150 19.28 13.15 -0.92
CA PRO B 150 18.67 12.55 -2.10
C PRO B 150 19.60 12.49 -3.31
N SER B 151 19.73 11.30 -3.88
CA SER B 151 20.37 11.14 -5.17
C SER B 151 19.28 11.29 -6.23
N VAL B 152 19.53 12.17 -7.19
CA VAL B 152 18.55 12.50 -8.22
C VAL B 152 19.05 12.02 -9.57
N PHE B 153 18.18 11.37 -10.32
CA PHE B 153 18.53 10.83 -11.63
C PHE B 153 17.55 11.33 -12.68
N PRO B 154 18.04 11.54 -13.91
CA PRO B 154 17.17 12.07 -14.96
C PRO B 154 16.33 10.98 -15.63
N LEU B 155 15.03 11.21 -15.74
CA LEU B 155 14.15 10.32 -16.49
C LEU B 155 13.98 10.87 -17.90
N ALA B 156 15.00 10.69 -18.73
CA ALA B 156 15.00 11.22 -20.08
C ALA B 156 13.90 10.57 -20.92
N PRO B 157 13.16 11.38 -21.70
CA PRO B 157 12.07 10.85 -22.54
C PRO B 157 12.50 9.76 -23.51
N SER B 158 11.50 9.03 -24.03
CA SER B 158 11.74 8.00 -25.03
C SER B 158 12.11 8.63 -26.37
N THR B 162 7.52 8.79 -24.60
CA THR B 162 6.97 9.51 -25.74
C THR B 162 5.86 8.71 -26.42
N SER B 163 4.65 9.28 -26.42
CA SER B 163 3.52 8.70 -27.13
C SER B 163 2.74 9.84 -27.75
N GLY B 164 3.09 10.18 -28.99
CA GLY B 164 2.58 11.36 -29.66
C GLY B 164 1.09 11.59 -29.51
N GLY B 165 0.65 12.85 -29.40
CA GLY B 165 1.49 14.02 -29.52
C GLY B 165 2.09 14.49 -28.21
N THR B 166 2.23 13.57 -27.25
CA THR B 166 2.70 13.90 -25.90
C THR B 166 3.95 13.09 -25.51
N ALA B 167 4.86 13.74 -24.78
CA ALA B 167 6.06 13.09 -24.28
C ALA B 167 6.20 13.31 -22.78
N ALA B 168 6.95 12.43 -22.12
CA ALA B 168 7.11 12.50 -20.67
C ALA B 168 8.58 12.49 -20.26
N LEU B 169 8.91 13.36 -19.31
CA LEU B 169 10.24 13.42 -18.72
C LEU B 169 10.08 13.50 -17.21
N GLY B 170 11.17 13.32 -16.47
CA GLY B 170 11.08 13.34 -15.02
C GLY B 170 12.40 13.26 -14.27
N CYS B 171 12.30 13.13 -12.95
CA CYS B 171 13.46 13.05 -12.07
C CYS B 171 13.24 12.04 -10.96
N LEU B 172 14.00 10.97 -10.97
CA LEU B 172 13.90 9.94 -9.93
C LEU B 172 14.64 10.34 -8.67
N VAL B 173 13.92 10.95 -7.73
CA VAL B 173 14.47 11.26 -6.42
C VAL B 173 14.53 9.98 -5.60
N LYS B 174 15.74 9.43 -5.44
CA LYS B 174 15.92 8.12 -4.83
C LYS B 174 16.97 8.15 -3.72
N ASP B 175 16.89 7.15 -2.84
CA ASP B 175 17.88 6.95 -1.79
C ASP B 175 18.02 8.17 -0.89
N TYR B 176 16.89 8.74 -0.47
CA TYR B 176 16.88 9.83 0.49
C TYR B 176 16.18 9.40 1.78
N PHE B 177 16.36 10.19 2.84
CA PHE B 177 15.87 9.85 4.17
C PHE B 177 16.13 11.06 5.07
N PRO B 178 15.12 11.52 5.83
CA PRO B 178 13.76 10.98 6.04
C PRO B 178 12.74 11.34 4.95
N GLU B 179 11.76 12.19 5.23
CA GLU B 179 10.56 12.29 4.38
C GLU B 179 9.81 13.62 4.45
N PRO B 180 10.24 14.62 3.67
CA PRO B 180 9.35 15.74 3.36
C PRO B 180 9.53 16.26 1.94
N VAL B 181 10.40 15.59 1.15
CA VAL B 181 10.91 16.13 -0.12
C VAL B 181 9.93 16.96 -0.93
N THR B 182 10.40 18.12 -1.38
CA THR B 182 9.63 19.01 -2.24
C THR B 182 10.35 19.12 -3.59
N VAL B 183 9.61 18.85 -4.66
CA VAL B 183 10.15 18.95 -6.00
C VAL B 183 9.40 20.02 -6.78
N SER B 184 10.13 20.74 -7.63
CA SER B 184 9.54 21.70 -8.54
C SER B 184 10.25 21.55 -9.88
N TRP B 185 9.83 22.35 -10.86
CA TRP B 185 10.46 22.34 -12.16
C TRP B 185 10.69 23.77 -12.66
N ASN B 186 11.87 24.02 -13.20
CA ASN B 186 12.25 25.34 -13.70
C ASN B 186 12.12 26.42 -12.62
N SER B 187 12.36 26.02 -11.38
CA SER B 187 12.27 26.94 -10.23
C SER B 187 10.90 27.59 -10.13
N GLY B 188 9.85 26.77 -10.11
CA GLY B 188 8.50 27.25 -9.90
C GLY B 188 7.79 27.68 -11.16
N ALA B 189 8.55 27.85 -12.25
CA ALA B 189 7.98 28.31 -13.51
C ALA B 189 7.44 27.16 -14.35
N LEU B 190 6.94 26.12 -13.68
CA LEU B 190 6.36 24.98 -14.37
C LEU B 190 5.46 24.18 -13.42
N THR B 191 4.17 24.50 -13.45
CA THR B 191 3.19 23.91 -12.54
C THR B 191 2.31 22.92 -13.29
N SER B 192 1.97 23.27 -14.53
CA SER B 192 1.08 22.44 -15.34
C SER B 192 1.87 21.39 -16.11
N GLY B 193 1.24 20.25 -16.36
CA GLY B 193 1.89 19.13 -17.02
C GLY B 193 2.65 18.28 -16.02
N VAL B 194 2.77 18.78 -14.79
CA VAL B 194 3.59 18.12 -13.78
C VAL B 194 2.76 17.20 -12.89
N HIS B 195 3.37 16.12 -12.45
CA HIS B 195 2.78 15.23 -11.45
C HIS B 195 3.88 14.59 -10.62
N THR B 196 3.86 14.85 -9.31
CA THR B 196 4.83 14.28 -8.39
C THR B 196 4.16 13.17 -7.59
N PHE B 197 4.69 11.95 -7.72
CA PHE B 197 4.09 10.79 -7.10
C PHE B 197 4.53 10.67 -5.65
N PRO B 198 3.75 9.93 -4.83
CA PRO B 198 4.12 9.72 -3.42
C PRO B 198 5.46 9.02 -3.28
N ALA B 199 6.05 9.14 -2.08
CA ALA B 199 7.30 8.45 -1.78
C ALA B 199 7.02 7.00 -1.45
N VAL B 200 7.99 6.14 -1.75
CA VAL B 200 7.88 4.72 -1.42
C VAL B 200 9.04 4.30 -0.52
N LEU B 201 8.78 3.36 0.38
CA LEU B 201 9.82 2.83 1.25
C LEU B 201 10.59 1.74 0.51
N GLN B 202 11.89 1.92 0.36
CA GLN B 202 12.71 1.03 -0.46
C GLN B 202 13.25 -0.17 0.30
N SER B 203 14.05 -0.97 -0.38
CA SER B 203 14.70 -2.14 0.21
C SER B 203 16.04 -1.76 0.81
N SER B 204 16.24 -0.47 1.09
CA SER B 204 17.46 0.02 1.71
C SER B 204 17.14 0.88 2.93
N GLY B 205 15.89 0.85 3.37
CA GLY B 205 15.47 1.64 4.51
C GLY B 205 15.46 3.12 4.22
N LEU B 206 15.50 3.46 2.94
CA LEU B 206 15.46 4.86 2.50
C LEU B 206 14.13 5.12 1.81
N TYR B 207 14.10 6.11 0.93
CA TYR B 207 12.86 6.43 0.20
C TYR B 207 13.11 6.76 -1.25
N SER B 208 12.04 6.76 -2.03
CA SER B 208 12.11 7.07 -3.44
C SER B 208 10.79 7.63 -3.92
N LEU B 209 10.87 8.61 -4.80
CA LEU B 209 9.70 9.11 -5.50
C LEU B 209 10.16 9.63 -6.85
N SER B 210 9.21 9.86 -7.75
CA SER B 210 9.52 10.42 -9.05
C SER B 210 8.68 11.65 -9.30
N SER B 211 9.26 12.60 -10.02
CA SER B 211 8.55 13.77 -10.47
C SER B 211 8.47 13.67 -11.98
N VAL B 212 7.31 14.00 -12.55
CA VAL B 212 7.09 13.85 -13.98
C VAL B 212 6.49 15.11 -14.58
N VAL B 213 6.90 15.42 -15.81
CA VAL B 213 6.29 16.48 -16.58
C VAL B 213 5.84 15.93 -17.92
N THR B 214 4.62 16.26 -18.32
CA THR B 214 4.08 15.84 -19.60
C THR B 214 4.02 17.03 -20.55
N VAL B 215 4.84 16.99 -21.59
CA VAL B 215 4.99 18.11 -22.51
C VAL B 215 4.74 17.69 -23.95
N PRO B 216 4.56 18.67 -24.84
CA PRO B 216 4.53 18.38 -26.28
C PRO B 216 5.82 17.71 -26.71
N SER B 217 5.71 16.60 -27.43
CA SER B 217 6.89 15.85 -27.87
C SER B 217 7.74 16.66 -28.85
N SER B 218 7.19 17.76 -29.37
CA SER B 218 7.90 18.62 -30.29
C SER B 218 8.79 19.61 -29.55
N SER B 219 8.43 19.92 -28.31
CA SER B 219 9.13 20.94 -27.52
C SER B 219 10.39 20.40 -26.84
N LEU B 220 10.70 19.13 -27.08
CA LEU B 220 11.78 18.44 -26.37
C LEU B 220 13.13 19.13 -26.53
N GLY B 221 13.63 19.19 -27.75
CA GLY B 221 14.97 19.68 -28.01
C GLY B 221 15.26 21.10 -27.54
N THR B 222 14.25 21.95 -27.60
CA THR B 222 14.43 23.37 -27.31
C THR B 222 14.42 23.64 -25.80
N GLN B 223 13.24 23.48 -25.19
CA GLN B 223 13.05 23.81 -23.79
C GLN B 223 14.00 23.05 -22.88
N THR B 224 14.73 23.79 -22.04
CA THR B 224 15.48 23.18 -20.95
C THR B 224 14.47 22.77 -19.89
N TYR B 225 14.77 21.68 -19.20
CA TYR B 225 13.91 21.19 -18.13
C TYR B 225 14.74 20.75 -16.94
N ILE B 226 14.51 21.38 -15.80
CA ILE B 226 15.24 21.08 -14.57
C ILE B 226 14.27 20.73 -13.47
N CYS B 227 14.51 19.60 -12.80
CA CYS B 227 13.79 19.27 -11.58
C CYS B 227 14.56 19.83 -10.40
N ASN B 228 13.91 20.71 -9.64
CA ASN B 228 14.55 21.36 -8.51
C ASN B 228 14.13 20.70 -7.20
N VAL B 229 14.80 19.60 -6.89
CA VAL B 229 14.49 18.81 -5.69
C VAL B 229 15.06 19.52 -4.47
N ASN B 230 14.41 19.35 -3.33
CA ASN B 230 14.81 20.04 -2.12
C ASN B 230 14.48 19.27 -0.84
N HIS B 231 15.42 18.45 -0.41
CA HIS B 231 15.31 17.76 0.87
C HIS B 231 15.70 18.72 1.98
N LYS B 232 14.72 19.26 2.68
CA LYS B 232 14.99 20.29 3.69
C LYS B 232 15.77 19.79 4.90
N PRO B 233 15.32 18.68 5.52
CA PRO B 233 16.01 18.12 6.69
C PRO B 233 17.51 17.92 6.48
N SER B 234 17.89 17.10 5.49
CA SER B 234 19.30 16.84 5.25
C SER B 234 19.99 18.04 4.61
N ASN B 235 19.21 19.07 4.28
CA ASN B 235 19.73 20.36 3.82
C ASN B 235 20.23 20.33 2.38
N THR B 236 19.76 19.37 1.60
CA THR B 236 20.21 19.20 0.22
C THR B 236 19.25 19.86 -0.78
N LYS B 237 19.83 20.47 -1.81
CA LYS B 237 19.06 21.12 -2.86
C LYS B 237 19.57 20.70 -4.22
N VAL B 238 19.11 19.54 -4.70
CA VAL B 238 19.59 19.00 -5.95
C VAL B 238 18.84 19.59 -7.14
N ASP B 239 19.57 19.82 -8.23
CA ASP B 239 18.98 20.36 -9.46
C ASP B 239 19.54 19.60 -10.66
N LYS B 240 18.64 18.98 -11.42
CA LYS B 240 19.03 18.12 -12.53
C LYS B 240 18.37 18.52 -13.84
N LYS B 241 19.17 18.97 -14.81
CA LYS B 241 18.66 19.29 -16.13
C LYS B 241 18.30 18.01 -16.86
N VAL B 242 17.01 17.84 -17.13
CA VAL B 242 16.51 16.66 -17.83
C VAL B 242 16.33 16.94 -19.32
N GLU B 243 16.88 16.05 -20.13
CA GLU B 243 16.79 16.16 -21.58
C GLU B 243 16.83 14.75 -22.17
N PRO B 244 16.52 14.60 -23.47
CA PRO B 244 16.48 13.26 -24.06
C PRO B 244 17.86 12.67 -24.30
N LYS B 245 17.93 11.60 -25.10
CA LYS B 245 19.17 10.83 -25.28
C LYS B 245 19.72 11.00 -26.70
N SER B 246 20.32 9.95 -27.24
CA SER B 246 20.80 9.94 -28.62
C SER B 246 21.51 8.62 -28.91
#